data_7HHJ
#
_entry.id   7HHJ
#
_cell.length_a   41.400
_cell.length_b   41.980
_cell.length_c   157.860
_cell.angle_alpha   90.00
_cell.angle_beta   90.00
_cell.angle_gamma   90.00
#
_symmetry.space_group_name_H-M   'P 21 21 21'
#
loop_
_entity.id
_entity.type
_entity.pdbx_description
1 polymer 'Hepatoma-derived growth factor-related protein 2'
2 non-polymer 'SULFATE ION'
3 non-polymer 1,2-ETHANEDIOL
4 non-polymer 2-bromo-4-fluoro-N,N-dimethylbenzamide
5 water water
#
_entity_poly.entity_id   1
_entity_poly.type   'polypeptide(L)'
_entity_poly.pdbx_seq_one_letter_code
;GMPHAFKPGDLVFAKMKGYPHWPARIDDIADGAVKPPPNKYPIFFFGTHETAFLGPKDLFPYDKSKDKYGKPNKRKGFNE
GLWEIQNNPHASYS
;
_entity_poly.pdbx_strand_id   A,B,C
#
loop_
_chem_comp.id
_chem_comp.type
_chem_comp.name
_chem_comp.formula
EDO non-polymer 1,2-ETHANEDIOL 'C2 H6 O2'
SO4 non-polymer 'SULFATE ION' 'O4 S -2'
WJ7 non-polymer 2-bromo-4-fluoro-N,N-dimethylbenzamide 'C9 H9 Br F N O'
#
# COMPACT_ATOMS: atom_id res chain seq x y z
N MET A 2 -4.74 1.60 27.64
CA MET A 2 -6.04 1.00 27.21
C MET A 2 -6.28 1.26 25.73
N PRO A 3 -6.97 0.31 25.03
CA PRO A 3 -7.31 0.48 23.61
C PRO A 3 -8.11 1.73 23.23
N HIS A 4 -7.75 2.33 22.09
CA HIS A 4 -8.56 3.34 21.45
C HIS A 4 -9.39 2.62 20.38
N ALA A 5 -10.22 3.38 19.66
CA ALA A 5 -10.82 2.96 18.40
C ALA A 5 -9.72 2.73 17.36
N PHE A 6 -10.04 1.94 16.32
CA PHE A 6 -9.15 1.72 15.19
C PHE A 6 -8.88 3.05 14.48
N LYS A 7 -7.63 3.25 14.02
CA LYS A 7 -7.31 4.44 13.23
C LYS A 7 -6.48 4.06 12.00
N PRO A 8 -6.54 4.85 10.91
CA PRO A 8 -5.68 4.62 9.74
C PRO A 8 -4.24 4.40 10.20
N GLY A 9 -3.61 3.36 9.65
CA GLY A 9 -2.24 3.02 9.95
C GLY A 9 -2.14 1.84 10.92
N ASP A 10 -3.23 1.52 11.63
CA ASP A 10 -3.18 0.39 12.56
C ASP A 10 -2.93 -0.92 11.83
N LEU A 11 -2.10 -1.82 12.38
CA LEU A 11 -1.81 -3.08 11.70
C LEU A 11 -2.59 -4.18 12.42
N VAL A 12 -3.08 -5.15 11.64
CA VAL A 12 -4.02 -6.15 12.13
C VAL A 12 -3.83 -7.44 11.36
N PHE A 13 -4.40 -8.53 11.89
CA PHE A 13 -4.84 -9.64 11.06
C PHE A 13 -6.34 -9.46 10.89
N ALA A 14 -6.80 -9.56 9.62
CA ALA A 14 -8.21 -9.32 9.33
C ALA A 14 -8.83 -10.64 8.87
N LYS A 15 -10.03 -10.93 9.40
CA LYS A 15 -10.66 -12.21 9.13
C LYS A 15 -11.81 -12.00 8.13
N MET A 16 -11.73 -12.73 7.02
CA MET A 16 -12.82 -12.89 6.06
C MET A 16 -13.16 -14.37 5.98
N LYS A 17 -14.45 -14.62 5.72
CA LYS A 17 -15.03 -15.94 5.60
C LYS A 17 -14.24 -16.75 4.59
N GLY A 18 -13.82 -17.95 5.00
CA GLY A 18 -13.14 -18.86 4.10
C GLY A 18 -11.67 -18.51 3.90
N TYR A 19 -11.15 -17.51 4.62
CA TYR A 19 -9.72 -17.22 4.52
C TYR A 19 -9.08 -17.28 5.89
N PRO A 20 -7.77 -17.62 6.01
CA PRO A 20 -7.08 -17.55 7.29
C PRO A 20 -6.98 -16.06 7.68
N HIS A 21 -6.83 -15.80 8.98
CA HIS A 21 -6.51 -14.47 9.47
C HIS A 21 -5.33 -13.89 8.68
N TRP A 22 -5.51 -12.68 8.11
CA TRP A 22 -4.62 -12.22 7.05
C TRP A 22 -3.95 -10.90 7.43
N PRO A 23 -2.62 -10.76 7.22
CA PRO A 23 -1.90 -9.53 7.58
C PRO A 23 -2.50 -8.40 6.76
N ALA A 24 -2.83 -7.29 7.45
CA ALA A 24 -3.55 -6.17 6.85
C ALA A 24 -3.31 -4.87 7.61
N ARG A 25 -3.77 -3.74 7.04
CA ARG A 25 -3.72 -2.48 7.76
C ARG A 25 -5.04 -1.74 7.55
N ILE A 26 -5.38 -0.87 8.50
CA ILE A 26 -6.46 0.08 8.30
C ILE A 26 -5.92 1.19 7.38
N ASP A 27 -6.58 1.40 6.24
CA ASP A 27 -6.19 2.42 5.29
C ASP A 27 -6.87 3.75 5.57
N ASP A 28 -6.26 4.80 5.01
CA ASP A 28 -6.87 6.11 4.86
C ASP A 28 -7.83 6.01 3.68
N ILE A 29 -8.81 6.93 3.64
CA ILE A 29 -9.59 7.14 2.42
C ILE A 29 -8.99 8.36 1.75
N ALA A 30 -8.52 8.22 0.50
CA ALA A 30 -7.95 9.36 -0.22
C ALA A 30 -9.07 10.35 -0.55
N ASP A 31 -8.72 11.64 -0.58
CA ASP A 31 -9.60 12.67 -1.13
C ASP A 31 -10.18 12.15 -2.43
N GLY A 32 -11.52 12.19 -2.56
CA GLY A 32 -12.20 11.87 -3.80
C GLY A 32 -12.47 10.38 -4.00
N ALA A 33 -11.96 9.55 -3.07
CA ALA A 33 -12.11 8.10 -3.17
C ALA A 33 -13.40 7.64 -2.52
N VAL A 34 -13.83 6.42 -2.89
CA VAL A 34 -15.02 5.77 -2.33
C VAL A 34 -14.84 5.52 -0.83
N LYS A 35 -15.83 5.98 -0.04
CA LYS A 35 -15.84 5.82 1.41
C LYS A 35 -16.44 4.47 1.78
N PRO A 36 -16.10 3.89 2.96
CA PRO A 36 -16.69 2.64 3.43
C PRO A 36 -18.12 2.87 3.87
N PRO A 37 -18.95 1.81 4.01
CA PRO A 37 -20.22 1.92 4.72
C PRO A 37 -19.98 2.32 6.17
N PRO A 38 -21.03 2.84 6.85
CA PRO A 38 -20.95 3.17 8.28
C PRO A 38 -20.52 1.96 9.10
N ASN A 39 -19.73 2.23 10.14
CA ASN A 39 -19.23 1.18 11.02
C ASN A 39 -18.20 0.27 10.34
N LYS A 40 -17.79 0.57 9.10
CA LYS A 40 -16.78 -0.24 8.40
C LYS A 40 -15.50 0.56 8.16
N TYR A 41 -14.36 -0.14 8.13
CA TYR A 41 -13.05 0.47 7.92
C TYR A 41 -12.53 -0.05 6.60
N PRO A 42 -11.72 0.73 5.84
CA PRO A 42 -11.14 0.25 4.58
C PRO A 42 -9.95 -0.62 4.98
N ILE A 43 -9.96 -1.89 4.58
CA ILE A 43 -8.87 -2.77 5.02
C ILE A 43 -8.00 -3.10 3.83
N PHE A 44 -6.69 -2.81 3.93
CA PHE A 44 -5.77 -3.18 2.87
C PHE A 44 -5.05 -4.46 3.27
N PHE A 45 -5.17 -5.51 2.43
CA PHE A 45 -4.61 -6.81 2.76
C PHE A 45 -3.20 -6.84 2.16
N PHE A 46 -2.20 -7.08 3.01
CA PHE A 46 -0.84 -7.23 2.49
C PHE A 46 -0.74 -8.48 1.60
N GLY A 47 0.16 -8.43 0.62
CA GLY A 47 0.41 -9.59 -0.22
C GLY A 47 -0.53 -9.61 -1.43
N THR A 48 -1.85 -9.64 -1.20
CA THR A 48 -2.82 -9.67 -2.29
C THR A 48 -3.01 -8.24 -2.79
N HIS A 49 -2.85 -7.29 -1.87
CA HIS A 49 -3.03 -5.87 -2.12
C HIS A 49 -4.47 -5.51 -2.43
N GLU A 50 -5.43 -6.34 -2.00
CA GLU A 50 -6.86 -6.08 -2.18
C GLU A 50 -7.38 -5.25 -1.00
N THR A 51 -8.46 -4.47 -1.23
CA THR A 51 -9.19 -3.79 -0.17
C THR A 51 -10.54 -4.47 0.07
N ALA A 52 -10.93 -4.61 1.35
CA ALA A 52 -12.31 -4.90 1.69
C ALA A 52 -12.72 -4.02 2.87
N PHE A 53 -14.03 -3.91 3.09
CA PHE A 53 -14.58 -3.11 4.17
C PHE A 53 -14.96 -4.06 5.30
N LEU A 54 -14.42 -3.86 6.51
CA LEU A 54 -14.70 -4.75 7.62
C LEU A 54 -14.98 -3.94 8.89
N GLY A 55 -15.76 -4.54 9.80
CA GLY A 55 -15.99 -3.96 11.13
C GLY A 55 -14.99 -4.57 12.12
N PRO A 56 -14.87 -3.98 13.32
CA PRO A 56 -13.92 -4.44 14.34
C PRO A 56 -13.99 -5.92 14.74
N LYS A 57 -15.17 -6.54 14.62
CA LYS A 57 -15.27 -7.96 14.98
C LYS A 57 -14.31 -8.85 14.18
N ASP A 58 -13.86 -8.36 13.01
CA ASP A 58 -12.99 -9.12 12.14
C ASP A 58 -11.54 -8.60 12.13
N LEU A 59 -11.20 -7.69 13.05
CA LEU A 59 -9.89 -7.01 13.08
C LEU A 59 -9.17 -7.39 14.37
N PHE A 60 -8.04 -8.09 14.24
CA PHE A 60 -7.24 -8.49 15.38
C PHE A 60 -5.93 -7.72 15.40
N PRO A 61 -5.69 -6.86 16.40
CA PRO A 61 -4.43 -6.13 16.49
C PRO A 61 -3.16 -6.98 16.36
N TYR A 62 -2.25 -6.52 15.48
CA TYR A 62 -1.13 -7.30 15.01
C TYR A 62 -0.21 -7.70 16.16
N ASP A 63 0.19 -6.75 17.01
CA ASP A 63 1.11 -7.06 18.10
C ASP A 63 0.60 -8.22 18.97
N LYS A 64 -0.67 -8.17 19.38
CA LYS A 64 -1.27 -9.19 20.22
C LYS A 64 -1.40 -10.53 19.50
N SER A 65 -1.57 -10.52 18.18
CA SER A 65 -2.04 -11.68 17.43
C SER A 65 -0.96 -12.36 16.61
N LYS A 66 0.22 -11.74 16.51
CA LYS A 66 1.23 -12.25 15.57
C LYS A 66 1.71 -13.65 15.92
N ASP A 67 1.78 -13.95 17.23
N ASP A 67 1.84 -13.95 17.22
CA ASP A 67 2.28 -15.26 17.68
CA ASP A 67 2.31 -15.28 17.59
C ASP A 67 1.34 -16.39 17.30
C ASP A 67 1.37 -16.33 16.98
N LYS A 68 0.06 -16.07 17.06
CA LYS A 68 -0.91 -17.07 16.64
C LYS A 68 -1.04 -17.14 15.13
N TYR A 69 -1.05 -15.98 14.46
CA TYR A 69 -1.56 -15.95 13.09
C TYR A 69 -0.42 -15.68 12.10
N GLY A 70 0.76 -15.32 12.61
CA GLY A 70 1.86 -14.84 11.79
C GLY A 70 2.84 -15.96 11.46
N LYS A 71 2.39 -16.88 10.60
CA LYS A 71 3.09 -18.11 10.29
C LYS A 71 2.78 -18.40 8.82
N PRO A 72 3.73 -18.99 8.06
CA PRO A 72 3.50 -19.28 6.64
C PRO A 72 2.20 -20.00 6.35
N ASN A 73 1.59 -19.66 5.22
CA ASN A 73 0.36 -20.27 4.80
C ASN A 73 0.47 -20.54 3.30
N LYS A 74 -0.15 -21.64 2.86
CA LYS A 74 -0.12 -22.04 1.46
C LYS A 74 -0.74 -20.96 0.58
N ARG A 75 -1.70 -20.21 1.13
CA ARG A 75 -2.57 -19.34 0.34
C ARG A 75 -1.76 -18.30 -0.45
N LYS A 76 -2.30 -17.93 -1.62
CA LYS A 76 -1.64 -17.04 -2.56
C LYS A 76 -1.46 -15.65 -1.95
N GLY A 77 -0.20 -15.21 -1.86
CA GLY A 77 0.07 -13.84 -1.46
C GLY A 77 0.28 -13.72 0.05
N PHE A 78 -0.05 -14.78 0.81
CA PHE A 78 0.01 -14.69 2.26
C PHE A 78 1.42 -14.41 2.78
N ASN A 79 2.40 -15.12 2.22
CA ASN A 79 3.77 -15.05 2.74
C ASN A 79 4.39 -13.70 2.34
N GLU A 80 4.08 -13.27 1.10
CA GLU A 80 4.42 -11.91 0.72
C GLU A 80 3.84 -10.95 1.76
N GLY A 81 2.60 -11.21 2.16
CA GLY A 81 1.89 -10.39 3.13
C GLY A 81 2.58 -10.31 4.48
N LEU A 82 3.09 -11.44 4.97
CA LEU A 82 3.85 -11.46 6.21
C LEU A 82 5.10 -10.59 6.09
N TRP A 83 5.80 -10.65 4.95
CA TRP A 83 7.00 -9.83 4.79
C TRP A 83 6.62 -8.35 4.86
N GLU A 84 5.49 -7.99 4.22
CA GLU A 84 5.16 -6.58 4.10
C GLU A 84 4.81 -5.99 5.47
N ILE A 85 3.98 -6.71 6.24
CA ILE A 85 3.53 -6.17 7.51
C ILE A 85 4.70 -6.04 8.48
N GLN A 86 5.67 -6.96 8.38
CA GLN A 86 6.82 -6.96 9.25
C GLN A 86 7.85 -5.93 8.79
N ASN A 87 8.01 -5.72 7.47
CA ASN A 87 9.18 -5.00 6.97
C ASN A 87 8.88 -3.61 6.42
N ASN A 88 7.70 -3.39 5.83
CA ASN A 88 7.35 -2.05 5.37
C ASN A 88 5.82 -1.89 5.35
N PRO A 89 5.16 -1.90 6.52
CA PRO A 89 3.70 -1.96 6.57
C PRO A 89 3.01 -0.63 6.23
N HIS A 90 3.78 0.47 6.09
CA HIS A 90 3.22 1.78 5.84
C HIS A 90 3.60 2.32 4.45
N ALA A 91 4.19 1.45 3.62
CA ALA A 91 4.64 1.79 2.26
C ALA A 91 3.43 1.98 1.33
N SER A 92 3.65 2.68 0.20
CA SER A 92 2.68 2.67 -0.89
C SER A 92 2.78 1.37 -1.67
N TYR A 93 1.68 0.64 -1.78
CA TYR A 93 1.68 -0.60 -2.55
C TYR A 93 0.82 -0.42 -3.80
N SER A 94 0.45 0.84 -4.10
CA SER A 94 -0.13 1.28 -5.36
C SER A 94 0.66 0.69 -6.54
N MET B 2 -5.65 40.31 -18.65
CA MET B 2 -6.58 40.12 -19.80
C MET B 2 -7.72 39.20 -19.36
N PRO B 3 -9.00 39.64 -19.51
CA PRO B 3 -10.15 38.78 -19.19
C PRO B 3 -10.17 37.52 -20.06
N HIS B 4 -10.61 36.40 -19.46
CA HIS B 4 -10.68 35.12 -20.18
C HIS B 4 -12.11 34.60 -20.13
N ALA B 5 -12.37 33.50 -20.88
CA ALA B 5 -13.71 32.92 -20.88
C ALA B 5 -14.10 32.71 -19.43
N PHE B 6 -13.23 32.00 -18.69
CA PHE B 6 -13.40 31.79 -17.26
C PHE B 6 -12.57 32.80 -16.47
N LYS B 7 -13.17 33.36 -15.42
CA LYS B 7 -12.49 34.37 -14.61
C LYS B 7 -12.42 33.90 -13.15
N PRO B 8 -11.40 34.35 -12.37
CA PRO B 8 -11.25 33.93 -10.99
C PRO B 8 -12.55 34.16 -10.26
N GLY B 9 -12.96 33.14 -9.48
CA GLY B 9 -14.19 33.21 -8.74
C GLY B 9 -15.35 32.54 -9.48
N ASP B 10 -15.14 32.17 -10.75
CA ASP B 10 -16.15 31.46 -11.50
C ASP B 10 -16.38 30.09 -10.88
N LEU B 11 -17.64 29.68 -10.76
CA LEU B 11 -17.95 28.39 -10.14
C LEU B 11 -18.24 27.36 -11.24
N VAL B 12 -17.73 26.14 -11.04
CA VAL B 12 -17.80 25.10 -12.07
C VAL B 12 -18.00 23.75 -11.38
N PHE B 13 -18.35 22.73 -12.19
CA PHE B 13 -17.96 21.36 -11.88
C PHE B 13 -16.75 21.04 -12.74
N ALA B 14 -15.72 20.44 -12.11
CA ALA B 14 -14.46 20.14 -12.76
C ALA B 14 -14.26 18.62 -12.84
N LYS B 15 -13.84 18.15 -14.02
CA LYS B 15 -13.86 16.71 -14.32
C LYS B 15 -12.44 16.21 -14.41
N MET B 16 -12.12 15.21 -13.59
CA MET B 16 -10.84 14.55 -13.65
C MET B 16 -11.04 13.06 -13.87
N LYS B 17 -10.11 12.44 -14.60
CA LYS B 17 -10.22 11.00 -14.85
C LYS B 17 -10.28 10.27 -13.50
N GLY B 18 -11.25 9.36 -13.35
CA GLY B 18 -11.38 8.56 -12.16
C GLY B 18 -12.35 9.13 -11.13
N TYR B 19 -12.93 10.32 -11.39
CA TYR B 19 -13.75 10.98 -10.40
C TYR B 19 -14.99 11.57 -11.07
N PRO B 20 -16.11 11.72 -10.34
CA PRO B 20 -17.26 12.43 -10.89
C PRO B 20 -16.98 13.93 -11.04
N HIS B 21 -17.73 14.58 -11.93
CA HIS B 21 -17.70 16.04 -12.05
C HIS B 21 -17.82 16.66 -10.66
N TRP B 22 -16.88 17.56 -10.33
CA TRP B 22 -16.66 17.88 -8.92
C TRP B 22 -16.88 19.37 -8.67
N PRO B 23 -17.66 19.79 -7.63
CA PRO B 23 -17.87 21.22 -7.35
C PRO B 23 -16.51 21.90 -7.17
N ALA B 24 -16.30 23.03 -7.84
CA ALA B 24 -14.96 23.62 -7.88
C ALA B 24 -15.06 25.11 -8.24
N ARG B 25 -13.91 25.80 -8.21
CA ARG B 25 -13.84 27.20 -8.59
C ARG B 25 -12.56 27.46 -9.37
N ILE B 26 -12.61 28.51 -10.21
CA ILE B 26 -11.42 29.10 -10.80
C ILE B 26 -10.80 30.00 -9.73
N ASP B 27 -9.53 29.75 -9.44
CA ASP B 27 -8.75 30.57 -8.53
C ASP B 27 -7.91 31.59 -9.33
N ASP B 28 -7.48 32.64 -8.63
N ASP B 28 -7.53 32.70 -8.67
CA ASP B 28 -6.49 33.61 -9.10
CA ASP B 28 -6.53 33.63 -9.22
C ASP B 28 -5.15 32.91 -9.23
C ASP B 28 -5.15 32.95 -9.21
N ILE B 29 -4.24 33.50 -10.02
CA ILE B 29 -2.94 32.89 -10.29
C ILE B 29 -1.88 33.50 -9.35
N VAL B 34 4.71 29.57 -10.13
CA VAL B 34 4.20 28.61 -11.15
C VAL B 34 2.89 29.16 -11.70
N LYS B 35 2.86 29.43 -13.02
CA LYS B 35 1.66 29.85 -13.73
C LYS B 35 1.07 28.64 -14.45
N PRO B 36 -0.28 28.55 -14.62
CA PRO B 36 -0.90 27.40 -15.31
C PRO B 36 -0.30 27.17 -16.70
N PRO B 37 -0.21 25.91 -17.20
CA PRO B 37 0.15 25.66 -18.59
C PRO B 37 -0.79 26.49 -19.48
N PRO B 38 -0.39 26.81 -20.73
CA PRO B 38 -1.30 27.52 -21.65
C PRO B 38 -2.64 26.80 -21.83
N ASN B 39 -3.71 27.60 -21.95
CA ASN B 39 -5.07 27.10 -22.18
C ASN B 39 -5.72 26.60 -20.88
N LYS B 40 -4.95 26.46 -19.79
CA LYS B 40 -5.48 25.82 -18.59
C LYS B 40 -5.65 26.84 -17.46
N TYR B 41 -6.45 26.49 -16.46
CA TYR B 41 -6.70 27.42 -15.36
C TYR B 41 -6.37 26.74 -14.04
N PRO B 42 -6.06 27.50 -12.96
CA PRO B 42 -5.95 26.92 -11.62
C PRO B 42 -7.33 26.59 -11.08
N ILE B 43 -7.56 25.32 -10.72
CA ILE B 43 -8.83 24.89 -10.18
C ILE B 43 -8.71 24.57 -8.69
N PHE B 44 -9.70 24.99 -7.90
CA PHE B 44 -9.79 24.63 -6.49
C PHE B 44 -11.00 23.72 -6.31
N PHE B 45 -10.74 22.49 -5.82
CA PHE B 45 -11.84 21.56 -5.59
C PHE B 45 -12.41 21.77 -4.20
N PHE B 46 -13.71 22.09 -4.12
CA PHE B 46 -14.39 22.17 -2.83
C PHE B 46 -14.41 20.80 -2.13
N GLY B 47 -14.48 20.84 -0.80
CA GLY B 47 -14.59 19.61 -0.01
C GLY B 47 -13.21 19.00 0.23
N THR B 48 -12.52 18.61 -0.84
CA THR B 48 -11.19 18.04 -0.67
C THR B 48 -10.17 19.16 -0.50
N HIS B 49 -10.49 20.33 -1.04
CA HIS B 49 -9.58 21.47 -1.00
C HIS B 49 -8.29 21.17 -1.76
N GLU B 50 -8.34 20.28 -2.75
CA GLU B 50 -7.23 20.03 -3.65
C GLU B 50 -7.26 21.05 -4.79
N THR B 51 -6.14 21.15 -5.51
CA THR B 51 -5.98 22.02 -6.68
C THR B 51 -5.41 21.18 -7.82
N ALA B 52 -5.69 21.63 -9.04
CA ALA B 52 -5.11 21.07 -10.25
C ALA B 52 -5.24 22.12 -11.35
N PHE B 53 -4.59 21.85 -12.50
CA PHE B 53 -4.74 22.71 -13.66
C PHE B 53 -5.60 21.97 -14.69
N LEU B 54 -6.71 22.58 -15.12
CA LEU B 54 -7.59 21.94 -16.09
C LEU B 54 -7.89 22.90 -17.23
N GLY B 55 -8.12 22.36 -18.43
CA GLY B 55 -8.57 23.14 -19.57
C GLY B 55 -10.10 23.15 -19.64
N PRO B 56 -10.67 24.04 -20.46
CA PRO B 56 -12.11 24.21 -20.55
C PRO B 56 -12.95 22.97 -20.88
N LYS B 57 -12.36 21.97 -21.55
CA LYS B 57 -13.13 20.80 -21.96
C LYS B 57 -13.63 20.07 -20.72
N ASP B 58 -12.91 20.31 -19.60
CA ASP B 58 -13.18 19.62 -18.35
C ASP B 58 -13.87 20.54 -17.33
N LEU B 59 -14.32 21.73 -17.77
CA LEU B 59 -14.88 22.72 -16.86
C LEU B 59 -16.31 23.04 -17.28
N PHE B 60 -17.24 22.82 -16.37
CA PHE B 60 -18.66 22.94 -16.64
C PHE B 60 -19.25 24.05 -15.76
N PRO B 61 -19.64 25.21 -16.32
CA PRO B 61 -20.39 26.22 -15.55
C PRO B 61 -21.41 25.67 -14.56
N TYR B 62 -21.32 26.12 -13.28
CA TYR B 62 -22.02 25.48 -12.18
C TYR B 62 -23.54 25.65 -12.30
N ASP B 63 -23.94 26.88 -12.65
CA ASP B 63 -25.35 27.21 -12.84
C ASP B 63 -25.99 26.32 -13.90
N LYS B 64 -25.37 26.23 -15.08
CA LYS B 64 -25.90 25.40 -16.16
C LYS B 64 -26.06 23.94 -15.71
N SER B 65 -25.09 23.42 -14.94
CA SER B 65 -24.94 21.96 -14.85
C SER B 65 -25.29 21.39 -13.46
N LYS B 66 -25.72 22.22 -12.51
CA LYS B 66 -25.86 21.84 -11.11
C LYS B 66 -26.91 20.75 -10.92
N ASP B 67 -27.93 20.68 -11.79
CA ASP B 67 -28.91 19.63 -11.54
C ASP B 67 -28.45 18.31 -12.16
N LYS B 68 -27.53 18.39 -13.12
CA LYS B 68 -26.96 17.17 -13.68
C LYS B 68 -25.88 16.64 -12.73
N TYR B 69 -24.96 17.50 -12.28
CA TYR B 69 -23.76 17.02 -11.58
C TYR B 69 -23.86 17.16 -10.06
N GLY B 70 -24.89 17.84 -9.57
CA GLY B 70 -24.88 18.22 -8.16
C GLY B 70 -25.52 17.19 -7.22
N LYS B 71 -25.46 15.91 -7.57
CA LYS B 71 -26.08 14.87 -6.75
C LYS B 71 -25.06 14.29 -5.79
N PRO B 72 -25.38 14.18 -4.48
CA PRO B 72 -24.45 13.64 -3.49
C PRO B 72 -24.08 12.21 -3.88
N ASN B 73 -22.87 11.78 -3.47
CA ASN B 73 -22.41 10.41 -3.74
C ASN B 73 -21.48 9.97 -2.60
N LYS B 74 -20.72 8.89 -2.82
CA LYS B 74 -19.98 8.26 -1.74
C LYS B 74 -18.49 8.61 -1.78
N ARG B 75 -18.15 9.60 -2.60
CA ARG B 75 -16.77 10.03 -2.72
C ARG B 75 -16.45 10.97 -1.56
N LYS B 76 -15.27 10.78 -0.93
CA LYS B 76 -14.82 11.54 0.22
C LYS B 76 -14.64 13.01 -0.20
N GLY B 77 -15.28 13.91 0.54
CA GLY B 77 -15.18 15.36 0.35
C GLY B 77 -16.32 15.91 -0.53
N PHE B 78 -17.10 15.04 -1.18
CA PHE B 78 -18.02 15.46 -2.22
C PHE B 78 -19.21 16.20 -1.63
N ASN B 79 -19.83 15.63 -0.59
CA ASN B 79 -21.00 16.27 -0.02
C ASN B 79 -20.58 17.57 0.68
N GLU B 80 -19.37 17.58 1.23
CA GLU B 80 -18.84 18.78 1.85
C GLU B 80 -18.56 19.85 0.77
N GLY B 81 -18.10 19.42 -0.42
CA GLY B 81 -17.80 20.32 -1.53
C GLY B 81 -19.08 20.95 -2.04
N LEU B 82 -20.16 20.15 -2.03
CA LEU B 82 -21.48 20.64 -2.37
C LEU B 82 -21.89 21.72 -1.37
N TRP B 83 -21.65 21.49 -0.09
CA TRP B 83 -21.97 22.50 0.91
C TRP B 83 -21.17 23.79 0.68
N GLU B 84 -19.90 23.64 0.30
CA GLU B 84 -19.02 24.79 0.17
C GLU B 84 -19.43 25.68 -1.01
N ILE B 85 -19.74 25.05 -2.15
CA ILE B 85 -19.97 25.81 -3.38
C ILE B 85 -21.31 26.54 -3.28
N GLN B 86 -22.22 25.97 -2.48
CA GLN B 86 -23.54 26.52 -2.23
C GLN B 86 -23.52 27.60 -1.14
N ASN B 87 -22.72 27.45 -0.08
CA ASN B 87 -22.90 28.32 1.07
C ASN B 87 -21.76 29.31 1.26
N ASN B 88 -20.57 28.99 0.76
CA ASN B 88 -19.46 29.93 0.93
C ASN B 88 -18.39 29.69 -0.14
N PRO B 89 -18.74 29.86 -1.45
CA PRO B 89 -17.86 29.49 -2.54
C PRO B 89 -16.59 30.34 -2.67
N HIS B 90 -16.60 31.52 -2.04
CA HIS B 90 -15.49 32.46 -2.23
C HIS B 90 -14.65 32.56 -0.95
N ALA B 91 -14.84 31.62 -0.02
CA ALA B 91 -14.10 31.65 1.24
C ALA B 91 -12.62 31.27 1.02
N SER B 92 -11.79 31.64 2.00
CA SER B 92 -10.46 31.09 2.14
C SER B 92 -10.52 29.71 2.84
N TYR B 93 -9.95 28.68 2.21
CA TYR B 93 -9.93 27.30 2.69
C TYR B 93 -8.48 26.88 3.00
N SER B 94 -7.57 27.82 2.76
CA SER B 94 -6.19 27.88 3.24
C SER B 94 -6.01 27.18 4.60
N ALA C 5 34.76 -15.51 5.42
CA ALA C 5 34.38 -15.69 6.84
C ALA C 5 32.95 -16.21 6.96
N PHE C 6 32.78 -17.54 6.86
CA PHE C 6 31.46 -18.14 6.98
C PHE C 6 31.56 -19.44 7.77
N LYS C 7 30.89 -19.50 8.92
CA LYS C 7 30.86 -20.69 9.76
C LYS C 7 29.47 -21.31 9.70
N PRO C 8 29.29 -22.61 10.01
CA PRO C 8 27.99 -23.26 9.87
C PRO C 8 26.94 -22.51 10.70
N GLY C 9 25.79 -22.21 10.10
CA GLY C 9 24.71 -21.52 10.80
C GLY C 9 24.59 -20.05 10.43
N ASP C 10 25.66 -19.47 9.86
CA ASP C 10 25.71 -18.09 9.40
C ASP C 10 24.66 -17.83 8.31
N LEU C 11 23.96 -16.71 8.44
CA LEU C 11 22.80 -16.41 7.61
C LEU C 11 23.22 -15.56 6.41
N VAL C 12 22.82 -15.97 5.20
CA VAL C 12 23.27 -15.31 3.97
C VAL C 12 22.10 -15.19 2.97
N PHE C 13 22.33 -14.41 1.90
CA PHE C 13 21.70 -14.60 0.62
C PHE C 13 22.69 -15.33 -0.28
N ALA C 14 22.17 -16.32 -1.01
CA ALA C 14 23.00 -17.22 -1.77
C ALA C 14 22.51 -17.17 -3.22
N LYS C 15 23.45 -16.96 -4.12
CA LYS C 15 23.10 -16.69 -5.50
C LYS C 15 23.55 -17.88 -6.33
N MET C 16 22.59 -18.52 -6.98
CA MET C 16 22.81 -19.62 -7.91
C MET C 16 22.37 -19.16 -9.29
N LYS C 17 22.96 -19.75 -10.32
CA LYS C 17 22.63 -19.34 -11.68
C LYS C 17 21.17 -19.70 -11.94
N GLY C 18 20.37 -18.72 -12.39
CA GLY C 18 19.00 -18.99 -12.79
C GLY C 18 17.99 -18.70 -11.66
N TYR C 19 18.45 -18.11 -10.56
CA TYR C 19 17.63 -17.87 -9.37
C TYR C 19 18.03 -16.52 -8.79
N PRO C 20 17.08 -15.76 -8.21
CA PRO C 20 17.45 -14.55 -7.47
C PRO C 20 18.31 -14.88 -6.25
N HIS C 21 19.00 -13.86 -5.71
CA HIS C 21 19.68 -13.99 -4.43
C HIS C 21 18.68 -14.53 -3.39
N TRP C 22 19.04 -15.64 -2.74
CA TRP C 22 18.06 -16.47 -2.04
C TRP C 22 18.40 -16.52 -0.56
N PRO C 23 17.44 -16.33 0.38
CA PRO C 23 17.76 -16.44 1.80
C PRO C 23 18.14 -17.88 2.17
N ALA C 24 19.23 -18.00 2.92
CA ALA C 24 19.87 -19.30 3.13
C ALA C 24 20.75 -19.23 4.38
N ARG C 25 21.30 -20.40 4.80
CA ARG C 25 22.34 -20.42 5.80
C ARG C 25 23.44 -21.41 5.43
N ILE C 26 24.63 -21.22 6.01
CA ILE C 26 25.76 -22.14 5.92
C ILE C 26 25.43 -23.39 6.73
N ASP C 27 25.47 -24.54 6.07
CA ASP C 27 25.29 -25.83 6.73
C ASP C 27 26.60 -26.30 7.35
N ASP C 28 26.47 -27.29 8.25
CA ASP C 28 27.59 -28.05 8.80
C ASP C 28 27.86 -29.23 7.88
N ILE C 29 29.14 -29.48 7.57
CA ILE C 29 29.53 -30.57 6.69
C ILE C 29 29.97 -31.75 7.56
N ALA C 30 29.13 -32.81 7.59
CA ALA C 30 29.29 -33.95 8.48
C ALA C 30 30.58 -34.72 8.17
N PRO C 36 32.60 -31.80 -0.09
CA PRO C 36 32.41 -30.54 -0.82
C PRO C 36 33.53 -30.34 -1.84
N PRO C 37 33.22 -29.81 -3.05
CA PRO C 37 34.30 -29.45 -3.98
C PRO C 37 35.18 -28.38 -3.33
N PRO C 38 36.46 -28.24 -3.73
CA PRO C 38 37.37 -27.27 -3.12
C PRO C 38 36.76 -25.87 -3.07
N ASN C 39 36.89 -25.25 -1.88
CA ASN C 39 36.49 -23.89 -1.57
C ASN C 39 34.98 -23.69 -1.76
N LYS C 40 34.17 -24.73 -1.55
CA LYS C 40 32.71 -24.58 -1.64
C LYS C 40 32.08 -24.82 -0.28
N TYR C 41 31.06 -24.02 0.03
CA TYR C 41 30.36 -24.13 1.30
C TYR C 41 29.04 -24.88 1.07
N PRO C 42 28.62 -25.72 2.03
CA PRO C 42 27.30 -26.38 1.97
C PRO C 42 26.25 -25.37 2.39
N ILE C 43 25.28 -25.12 1.50
CA ILE C 43 24.25 -24.11 1.73
C ILE C 43 22.90 -24.80 1.88
N PHE C 44 22.11 -24.34 2.87
CA PHE C 44 20.71 -24.70 2.96
C PHE C 44 19.86 -23.48 2.58
N PHE C 45 18.93 -23.67 1.64
CA PHE C 45 18.07 -22.60 1.14
C PHE C 45 16.77 -22.57 1.95
N PHE C 46 16.44 -21.39 2.50
CA PHE C 46 15.18 -21.24 3.23
C PHE C 46 14.03 -21.36 2.24
N GLY C 47 12.85 -21.77 2.75
CA GLY C 47 11.65 -21.84 1.94
C GLY C 47 11.57 -23.14 1.14
N THR C 48 12.58 -23.38 0.29
CA THR C 48 12.59 -24.62 -0.49
C THR C 48 13.23 -25.72 0.34
N HIS C 49 14.07 -25.34 1.31
CA HIS C 49 14.81 -26.28 2.15
C HIS C 49 15.68 -27.22 1.30
N GLU C 50 16.22 -26.71 0.19
CA GLU C 50 17.13 -27.53 -0.60
C GLU C 50 18.57 -27.23 -0.17
N THR C 51 19.50 -28.05 -0.66
CA THR C 51 20.92 -27.86 -0.34
C THR C 51 21.74 -27.77 -1.63
N ALA C 52 22.90 -27.10 -1.54
CA ALA C 52 23.85 -27.07 -2.64
C ALA C 52 25.20 -26.62 -2.10
N PHE C 53 26.23 -26.77 -2.95
CA PHE C 53 27.54 -26.23 -2.67
C PHE C 53 27.68 -24.93 -3.45
N LEU C 54 28.09 -23.87 -2.76
CA LEU C 54 28.40 -22.60 -3.41
C LEU C 54 29.74 -22.06 -2.90
N GLY C 55 30.41 -21.29 -3.76
CA GLY C 55 31.64 -20.59 -3.43
C GLY C 55 31.34 -19.26 -2.75
N PRO C 56 32.31 -18.72 -1.99
CA PRO C 56 32.06 -17.54 -1.14
C PRO C 56 31.67 -16.33 -1.97
N LYS C 57 32.09 -16.33 -3.24
CA LYS C 57 31.71 -15.33 -4.24
C LYS C 57 30.18 -15.24 -4.38
N ASP C 58 29.49 -16.35 -4.06
CA ASP C 58 28.06 -16.41 -4.35
C ASP C 58 27.23 -16.14 -3.11
N LEU C 59 27.89 -15.70 -2.03
CA LEU C 59 27.29 -15.62 -0.70
C LEU C 59 27.44 -14.21 -0.17
N PHE C 60 26.40 -13.72 0.52
CA PHE C 60 26.35 -12.36 1.08
C PHE C 60 25.78 -12.41 2.49
N PRO C 61 26.50 -11.88 3.53
CA PRO C 61 25.99 -11.89 4.90
C PRO C 61 24.60 -11.25 4.94
N TYR C 62 23.69 -11.90 5.68
CA TYR C 62 22.27 -11.53 5.72
C TYR C 62 22.07 -10.11 6.26
N ASP C 63 22.73 -9.76 7.37
CA ASP C 63 22.55 -8.45 7.98
C ASP C 63 23.11 -7.34 7.07
N LYS C 64 24.15 -7.65 6.31
CA LYS C 64 24.80 -6.65 5.47
C LYS C 64 23.98 -6.39 4.22
N SER C 65 23.21 -7.39 3.74
CA SER C 65 22.70 -7.30 2.37
C SER C 65 21.16 -7.36 2.30
N LYS C 66 20.49 -7.49 3.46
CA LYS C 66 19.05 -7.72 3.45
C LYS C 66 18.27 -6.52 2.89
N ASP C 67 18.80 -5.30 3.06
CA ASP C 67 18.17 -4.10 2.51
C ASP C 67 18.04 -4.27 0.99
N LYS C 68 19.04 -4.92 0.39
CA LYS C 68 19.10 -5.08 -1.06
C LYS C 68 18.33 -6.32 -1.52
N TYR C 69 18.60 -7.50 -0.90
CA TYR C 69 18.06 -8.75 -1.43
C TYR C 69 16.82 -9.21 -0.69
N GLY C 70 16.57 -8.68 0.52
CA GLY C 70 15.45 -9.17 1.33
C GLY C 70 14.18 -8.41 0.98
N LYS C 71 13.61 -8.78 -0.16
CA LYS C 71 12.39 -8.18 -0.67
C LYS C 71 11.64 -9.29 -1.39
N PRO C 72 10.29 -9.29 -1.34
CA PRO C 72 9.54 -10.40 -1.90
C PRO C 72 9.83 -10.62 -3.38
N ASN C 73 9.64 -11.85 -3.82
CA ASN C 73 9.41 -12.07 -5.23
C ASN C 73 8.57 -13.33 -5.36
N LYS C 74 8.19 -13.65 -6.61
CA LYS C 74 7.14 -14.62 -6.85
C LYS C 74 7.73 -16.02 -7.00
N ARG C 75 9.07 -16.15 -7.04
CA ARG C 75 9.68 -17.46 -7.26
C ARG C 75 9.22 -18.39 -6.14
N LYS C 76 9.02 -19.66 -6.51
CA LYS C 76 8.39 -20.65 -5.65
C LYS C 76 9.25 -20.83 -4.40
N GLY C 77 8.64 -20.56 -3.24
CA GLY C 77 9.31 -20.86 -1.98
C GLY C 77 10.01 -19.63 -1.40
N PHE C 78 10.15 -18.58 -2.22
CA PHE C 78 10.96 -17.43 -1.89
C PHE C 78 10.43 -16.76 -0.62
N ASN C 79 9.14 -16.43 -0.62
CA ASN C 79 8.64 -15.57 0.45
C ASN C 79 8.58 -16.34 1.75
N GLU C 80 8.25 -17.63 1.68
CA GLU C 80 8.34 -18.48 2.87
C GLU C 80 9.78 -18.50 3.39
N GLY C 81 10.75 -18.53 2.44
CA GLY C 81 12.17 -18.42 2.77
C GLY C 81 12.48 -17.15 3.58
N LEU C 82 11.87 -16.04 3.19
CA LEU C 82 12.13 -14.77 3.83
C LEU C 82 11.59 -14.77 5.26
N TRP C 83 10.39 -15.35 5.44
CA TRP C 83 9.84 -15.49 6.79
C TRP C 83 10.76 -16.33 7.70
N GLU C 84 11.29 -17.44 7.17
CA GLU C 84 12.13 -18.35 7.94
C GLU C 84 13.42 -17.67 8.38
N ILE C 85 14.04 -16.88 7.48
CA ILE C 85 15.36 -16.31 7.75
C ILE C 85 15.29 -15.24 8.85
N GLN C 86 14.14 -14.58 8.95
CA GLN C 86 13.88 -13.49 9.89
C GLN C 86 13.33 -14.03 11.20
N ASN C 87 12.50 -15.08 11.12
CA ASN C 87 11.63 -15.50 12.21
C ASN C 87 11.99 -16.87 12.81
N ASN C 88 12.71 -17.73 12.08
CA ASN C 88 12.94 -19.11 12.57
C ASN C 88 14.16 -19.68 11.86
N PRO C 89 15.33 -19.03 11.94
CA PRO C 89 16.45 -19.38 11.07
C PRO C 89 17.32 -20.57 11.46
N HIS C 90 17.01 -21.21 12.60
CA HIS C 90 17.78 -22.36 13.06
C HIS C 90 16.89 -23.56 13.41
N ALA C 91 15.66 -23.60 12.87
CA ALA C 91 14.83 -24.80 12.95
C ALA C 91 15.43 -25.92 12.08
N SER C 92 14.69 -27.04 11.94
CA SER C 92 15.23 -28.29 11.43
C SER C 92 14.83 -28.57 9.98
N TYR C 93 13.52 -28.51 9.70
CA TYR C 93 12.97 -28.72 8.36
C TYR C 93 13.47 -30.06 7.81
S SO4 D . -5.19 -19.89 -3.38
O1 SO4 D . -5.65 -19.38 -4.64
O2 SO4 D . -5.20 -18.83 -2.40
O3 SO4 D . -6.06 -20.95 -2.95
O4 SO4 D . -3.85 -20.40 -3.53
S SO4 E . -13.65 -20.10 7.85
O1 SO4 E . -14.39 -18.96 7.38
O2 SO4 E . -12.99 -19.77 9.09
O3 SO4 E . -14.56 -21.20 8.06
O4 SO4 E . -12.67 -20.47 6.87
C1 EDO F . -1.68 0.76 -1.09
O1 EDO F . -0.70 1.78 -0.82
C2 EDO F . -3.11 1.07 -0.76
O2 EDO F . -3.30 1.62 0.53
S SO4 G . 3.27 -15.78 -1.31
O1 SO4 G . 3.24 -14.36 -1.20
O2 SO4 G . 2.55 -16.17 -2.50
O3 SO4 G . 4.64 -16.23 -1.40
O4 SO4 G . 2.63 -16.37 -0.17
S SO4 H . -18.24 14.05 2.69
O1 SO4 H . -17.78 15.32 2.15
O2 SO4 H . -19.15 13.42 1.79
O3 SO4 H . -17.10 13.17 2.91
O4 SO4 H . -18.92 14.31 3.94
S SO4 I . -14.13 8.08 -15.55
O1 SO4 I . -12.90 8.75 -15.86
O2 SO4 I . -14.70 7.54 -16.76
O3 SO4 I . -13.86 7.01 -14.64
O4 SO4 I . -15.06 9.01 -14.96
C4 WJ7 J . -7.76 17.26 -7.29
C5 WJ7 J . -6.39 17.29 -7.51
C6 WJ7 J . -5.62 16.28 -7.00
C7 WJ7 J . -6.13 15.22 -6.30
C8 WJ7 J . -7.49 15.20 -6.09
N WJ7 J . -10.57 15.52 -7.11
C WJ7 J . -12.01 15.47 -6.89
O WJ7 J . -10.17 16.58 -5.18
C1 WJ7 J . -10.09 14.86 -8.32
C2 WJ7 J . -9.79 16.16 -6.26
C3 WJ7 J . -8.32 16.21 -6.56
F WJ7 J . -4.28 16.32 -7.21
BR WJ7 J . -8.30 13.79 -5.11
C1 EDO K . 16.33 -22.19 -5.28
O1 EDO K . 15.01 -22.31 -5.81
C2 EDO K . 16.42 -22.52 -3.85
O2 EDO K . 16.45 -23.92 -3.67
S SO4 L . 22.57 -14.01 -13.69
O1 SO4 L . 23.27 -12.77 -13.53
O2 SO4 L . 21.19 -13.84 -13.33
O3 SO4 L . 22.65 -14.45 -15.05
O4 SO4 L . 23.17 -15.00 -12.84
#